data_1EX2
#
_entry.id   1EX2
#
_cell.length_a   62.66
_cell.length_b   86.01
_cell.length_c   93.94
_cell.angle_alpha   90.00
_cell.angle_beta   90.00
_cell.angle_gamma   90.00
#
_symmetry.space_group_name_H-M   'P 21 21 21'
#
loop_
_entity.id
_entity.type
_entity.pdbx_description
1 polymer 'PROTEIN MAF'
2 branched beta-D-fructofuranose-(2-1)-alpha-D-glucopyranose
3 non-polymer 'PHOSPHATE ION'
4 water water
#
_entity_poly.entity_id   1
_entity_poly.type   'polypeptide(L)'
_entity_poly.pdbx_seq_one_letter_code
;MTKPLILASQSPRRKELLDLLQLPYSIIVSEVEEKLNRNFSPEENVQWLAKQKAKAVADLHPHAIVIGADTMVCLDGECL
GKPQDQEEAASMLRRLSGRSHSVITAVSIQAENHSETFYDKTEVAFWSLSEEEIWTYIETKEPMDKAGAYGIQGRGALFV
KKIDGDYYSVMGLPISKTMRALRHFDIRA
;
_entity_poly.pdbx_strand_id   A,B
#
# COMPACT_ATOMS: atom_id res chain seq x y z
N MET A 1 -18.51 -6.03 6.81
CA MET A 1 -18.08 -6.68 8.09
C MET A 1 -16.69 -6.17 8.48
N THR A 2 -16.38 -6.23 9.78
CA THR A 2 -15.09 -5.78 10.30
C THR A 2 -14.04 -6.86 10.13
N LYS A 3 -12.82 -6.54 10.54
CA LYS A 3 -11.73 -7.49 10.45
C LYS A 3 -10.93 -7.40 11.74
N PRO A 4 -10.44 -8.54 12.24
CA PRO A 4 -9.64 -8.51 13.47
C PRO A 4 -8.25 -7.94 13.17
N LEU A 5 -7.65 -7.30 14.15
CA LEU A 5 -6.34 -6.68 13.99
C LEU A 5 -5.23 -7.56 14.57
N ILE A 6 -4.15 -7.71 13.80
CA ILE A 6 -2.98 -8.51 14.20
C ILE A 6 -1.68 -7.72 14.05
N LEU A 7 -0.85 -7.75 15.10
CA LEU A 7 0.47 -7.10 15.07
C LEU A 7 1.47 -8.20 14.77
N ALA A 8 2.12 -8.10 13.61
CA ALA A 8 3.13 -9.10 13.26
C ALA A 8 4.48 -8.59 13.77
N SER A 9 4.68 -8.67 15.08
CA SER A 9 5.92 -8.20 15.67
C SER A 9 6.13 -8.70 17.08
N GLN A 10 7.38 -9.01 17.42
CA GLN A 10 7.72 -9.44 18.77
C GLN A 10 8.29 -8.28 19.60
N SER A 11 8.30 -7.08 19.02
CA SER A 11 8.84 -5.92 19.73
C SER A 11 7.96 -5.43 20.87
N PRO A 12 8.51 -5.41 22.11
CA PRO A 12 7.77 -4.96 23.29
C PRO A 12 7.33 -3.51 23.17
N ARG A 13 8.18 -2.69 22.55
CA ARG A 13 7.88 -1.27 22.40
C ARG A 13 6.73 -1.09 21.43
N ARG A 14 6.72 -1.89 20.37
CA ARG A 14 5.65 -1.78 19.39
C ARG A 14 4.33 -2.24 20.01
N LYS A 15 4.40 -3.27 20.86
CA LYS A 15 3.21 -3.76 21.54
C LYS A 15 2.69 -2.64 22.43
N GLU A 16 3.56 -2.04 23.25
CA GLU A 16 3.09 -0.97 24.12
C GLU A 16 2.62 0.26 23.36
N LEU A 17 3.17 0.50 22.16
CA LEU A 17 2.72 1.65 21.37
C LEU A 17 1.36 1.34 20.77
N LEU A 18 1.19 0.13 20.24
CA LEU A 18 -0.11 -0.19 19.66
C LEU A 18 -1.21 -0.18 20.74
N ASP A 19 -0.85 -0.51 21.98
CA ASP A 19 -1.83 -0.49 23.07
C ASP A 19 -2.51 0.88 23.24
N LEU A 20 -1.82 1.95 22.86
CA LEU A 20 -2.39 3.29 22.99
C LEU A 20 -3.65 3.52 22.16
N LEU A 21 -3.80 2.76 21.08
CA LEU A 21 -4.97 2.92 20.24
C LEU A 21 -6.21 2.38 20.91
N GLN A 22 -6.02 1.59 21.95
CA GLN A 22 -7.11 1.00 22.70
C GLN A 22 -8.02 0.22 21.76
N LEU A 23 -7.41 -0.46 20.81
CA LEU A 23 -8.13 -1.31 19.86
C LEU A 23 -7.74 -2.74 20.20
N PRO A 24 -8.69 -3.67 20.19
CA PRO A 24 -8.30 -5.04 20.51
C PRO A 24 -7.46 -5.60 19.35
N TYR A 25 -6.49 -6.44 19.67
CA TYR A 25 -5.65 -7.04 18.65
C TYR A 25 -4.87 -8.18 19.22
N SER A 26 -4.27 -8.98 18.34
CA SER A 26 -3.47 -10.07 18.84
C SER A 26 -2.10 -9.95 18.22
N ILE A 27 -1.15 -10.70 18.75
CA ILE A 27 0.21 -10.66 18.26
C ILE A 27 0.50 -12.04 17.70
N ILE A 28 1.05 -12.08 16.49
CA ILE A 28 1.40 -13.37 15.91
C ILE A 28 2.88 -13.41 15.64
N VAL A 29 3.54 -14.39 16.22
CA VAL A 29 4.98 -14.54 16.04
C VAL A 29 5.24 -15.25 14.72
N SER A 30 6.21 -14.73 13.97
CA SER A 30 6.53 -15.34 12.69
C SER A 30 8.04 -15.35 12.42
N GLU A 31 8.51 -16.44 11.83
CA GLU A 31 9.94 -16.56 11.48
C GLU A 31 10.01 -16.08 10.03
N VAL A 32 10.60 -14.91 9.83
CA VAL A 32 10.70 -14.38 8.48
C VAL A 32 12.14 -14.07 8.12
N GLU A 33 12.69 -14.86 7.20
CA GLU A 33 14.07 -14.67 6.76
C GLU A 33 14.12 -13.57 5.71
N GLU A 34 14.10 -12.32 6.17
CA GLU A 34 14.15 -11.20 5.25
C GLU A 34 15.47 -10.45 5.36
N LYS A 35 16.02 -10.13 4.18
CA LYS A 35 17.28 -9.43 4.11
C LYS A 35 17.17 -8.22 3.18
N LEU A 36 18.03 -7.24 3.42
CA LEU A 36 18.05 -6.02 2.62
C LEU A 36 18.67 -6.38 1.27
N ASN A 37 18.18 -5.77 0.19
CA ASN A 37 18.80 -6.02 -1.12
C ASN A 37 19.61 -4.78 -1.43
N ARG A 38 20.90 -4.98 -1.65
CA ARG A 38 21.84 -3.91 -1.92
C ARG A 38 21.46 -2.87 -2.99
N ASN A 39 20.48 -3.17 -3.82
CA ASN A 39 20.06 -2.22 -4.85
C ASN A 39 18.92 -1.30 -4.43
N PHE A 40 18.68 -1.20 -3.12
CA PHE A 40 17.61 -0.35 -2.60
C PHE A 40 18.15 0.75 -1.69
N SER A 41 17.41 1.85 -1.61
CA SER A 41 17.77 2.95 -0.72
C SER A 41 17.24 2.54 0.65
N PRO A 42 17.71 3.19 1.72
CA PRO A 42 17.22 2.82 3.05
C PRO A 42 15.70 2.96 3.10
N GLU A 43 15.19 3.98 2.42
CA GLU A 43 13.75 4.23 2.38
C GLU A 43 12.98 3.09 1.73
N GLU A 44 13.54 2.53 0.66
CA GLU A 44 12.90 1.41 -0.04
C GLU A 44 13.03 0.13 0.77
N ASN A 45 14.20 -0.10 1.36
CA ASN A 45 14.44 -1.31 2.15
C ASN A 45 13.60 -1.41 3.41
N VAL A 46 13.50 -0.33 4.18
CA VAL A 46 12.73 -0.39 5.41
C VAL A 46 11.26 -0.64 5.09
N GLN A 47 10.76 -0.02 4.02
CA GLN A 47 9.36 -0.27 3.67
C GLN A 47 9.19 -1.72 3.18
N TRP A 48 10.16 -2.22 2.43
CA TRP A 48 10.09 -3.61 1.96
C TRP A 48 10.11 -4.61 3.13
N LEU A 49 10.95 -4.36 4.14
CA LEU A 49 11.02 -5.25 5.29
C LEU A 49 9.71 -5.26 6.09
N ALA A 50 9.13 -4.07 6.28
CA ALA A 50 7.86 -3.97 7.00
C ALA A 50 6.77 -4.73 6.23
N LYS A 51 6.75 -4.59 4.91
CA LYS A 51 5.74 -5.28 4.10
C LYS A 51 5.90 -6.81 4.15
N GLN A 52 7.14 -7.29 4.11
CA GLN A 52 7.36 -8.73 4.18
C GLN A 52 6.91 -9.32 5.51
N LYS A 53 7.19 -8.65 6.62
CA LYS A 53 6.75 -9.11 7.93
C LYS A 53 5.21 -9.20 7.96
N ALA A 54 4.53 -8.15 7.52
CA ALA A 54 3.07 -8.16 7.53
C ALA A 54 2.51 -9.23 6.61
N LYS A 55 3.06 -9.33 5.40
CA LYS A 55 2.59 -10.33 4.45
C LYS A 55 2.79 -11.77 4.88
N ALA A 56 3.87 -12.06 5.59
CA ALA A 56 4.12 -13.42 6.03
C ALA A 56 2.97 -13.90 6.93
N VAL A 57 2.44 -12.97 7.74
CA VAL A 57 1.33 -13.31 8.62
C VAL A 57 0.01 -13.21 7.87
N ALA A 58 -0.17 -12.15 7.08
CA ALA A 58 -1.42 -12.00 6.33
C ALA A 58 -1.70 -13.19 5.39
N ASP A 59 -0.65 -13.78 4.82
CA ASP A 59 -0.85 -14.91 3.92
C ASP A 59 -1.51 -16.06 4.70
N LEU A 60 -1.15 -16.22 5.97
CA LEU A 60 -1.71 -17.28 6.82
C LEU A 60 -3.06 -16.92 7.44
N HIS A 61 -3.36 -15.64 7.53
CA HIS A 61 -4.61 -15.17 8.12
C HIS A 61 -5.19 -14.10 7.20
N PRO A 62 -5.63 -14.51 6.00
CA PRO A 62 -6.19 -13.59 5.00
C PRO A 62 -7.42 -12.76 5.36
N HIS A 63 -8.09 -13.10 6.45
CA HIS A 63 -9.29 -12.36 6.86
C HIS A 63 -8.99 -11.18 7.77
N ALA A 64 -7.75 -11.09 8.23
CA ALA A 64 -7.40 -10.04 9.17
C ALA A 64 -6.71 -8.80 8.58
N ILE A 65 -6.47 -7.82 9.46
CA ILE A 65 -5.73 -6.61 9.10
C ILE A 65 -4.44 -6.83 9.85
N VAL A 66 -3.35 -6.94 9.12
CA VAL A 66 -2.05 -7.20 9.72
C VAL A 66 -1.12 -6.00 9.63
N ILE A 67 -0.48 -5.68 10.75
CA ILE A 67 0.46 -4.56 10.82
C ILE A 67 1.88 -5.09 10.99
N GLY A 68 2.80 -4.64 10.15
CA GLY A 68 4.21 -5.02 10.25
C GLY A 68 4.99 -3.71 10.28
N ALA A 69 6.15 -3.70 10.93
CA ALA A 69 6.94 -2.48 10.99
C ALA A 69 8.44 -2.80 11.09
N ASP A 70 9.26 -1.82 10.73
CA ASP A 70 10.70 -2.00 10.77
C ASP A 70 11.34 -0.63 10.95
N THR A 71 12.44 -0.59 11.69
CA THR A 71 13.11 0.66 11.94
C THR A 71 14.58 0.55 11.62
N MET A 72 15.10 1.56 10.94
CA MET A 72 16.52 1.61 10.59
C MET A 72 17.14 2.92 11.10
N VAL A 73 18.40 2.83 11.52
CA VAL A 73 19.14 3.99 12.01
C VAL A 73 20.18 4.25 10.93
N CYS A 74 20.10 5.39 10.26
CA CYS A 74 21.04 5.67 9.18
C CYS A 74 21.83 6.95 9.33
N LEU A 75 23.11 6.83 8.97
CA LEU A 75 24.08 7.90 9.03
C LEU A 75 24.70 8.09 7.66
N ASP A 76 24.39 9.21 7.02
CA ASP A 76 24.95 9.52 5.70
C ASP A 76 24.73 8.40 4.68
N GLY A 77 23.50 7.88 4.62
CA GLY A 77 23.21 6.82 3.67
C GLY A 77 23.53 5.42 4.17
N GLU A 78 24.45 5.32 5.12
CA GLU A 78 24.83 4.04 5.68
C GLU A 78 24.00 3.76 6.94
N CYS A 79 23.45 2.56 7.05
CA CYS A 79 22.63 2.26 8.21
C CYS A 79 23.32 1.29 9.15
N LEU A 80 23.12 1.53 10.44
CA LEU A 80 23.76 0.74 11.47
C LEU A 80 22.86 -0.32 12.06
N GLY A 81 23.46 -1.48 12.34
CA GLY A 81 22.71 -2.56 12.96
C GLY A 81 23.19 -2.67 14.39
N LYS A 82 22.85 -3.76 15.06
CA LYS A 82 23.27 -3.94 16.45
C LYS A 82 24.74 -4.33 16.49
N PRO A 83 25.50 -3.84 17.48
CA PRO A 83 26.92 -4.18 17.58
C PRO A 83 27.10 -5.53 18.27
N GLN A 84 27.75 -6.47 17.59
CA GLN A 84 27.98 -7.80 18.16
C GLN A 84 29.22 -7.81 19.04
N ASP A 85 29.80 -6.63 19.24
CA ASP A 85 30.98 -6.48 20.07
C ASP A 85 30.99 -5.08 20.68
N GLN A 86 31.34 -5.00 21.96
CA GLN A 86 31.38 -3.74 22.67
C GLN A 86 32.28 -2.68 22.05
N GLU A 87 33.35 -3.12 21.39
CA GLU A 87 34.27 -2.18 20.76
C GLU A 87 33.58 -1.55 19.55
N GLU A 88 32.60 -2.26 18.98
CA GLU A 88 31.87 -1.75 17.83
C GLU A 88 30.86 -0.73 18.33
N ALA A 89 30.22 -1.06 19.46
CA ALA A 89 29.25 -0.17 20.06
C ALA A 89 29.94 1.18 20.22
N ALA A 90 31.10 1.18 20.87
CA ALA A 90 31.86 2.40 21.07
C ALA A 90 32.18 3.06 19.73
N SER A 91 32.32 2.24 18.70
CA SER A 91 32.62 2.75 17.37
C SER A 91 31.42 3.48 16.78
N MET A 92 30.24 2.87 16.91
CA MET A 92 29.01 3.46 16.41
C MET A 92 28.66 4.74 17.16
N LEU A 93 28.71 4.67 18.48
CA LEU A 93 28.41 5.82 19.31
C LEU A 93 29.30 6.99 18.96
N ARG A 94 30.57 6.70 18.67
CA ARG A 94 31.49 7.79 18.32
C ARG A 94 31.09 8.43 16.99
N ARG A 95 30.57 7.61 16.07
CA ARG A 95 30.12 8.13 14.79
C ARG A 95 28.90 9.00 15.02
N LEU A 96 28.00 8.53 15.88
CA LEU A 96 26.77 9.25 16.19
C LEU A 96 27.02 10.51 17.02
N SER A 97 28.10 10.51 17.77
CA SER A 97 28.45 11.64 18.66
C SER A 97 28.49 13.04 18.08
N GLY A 98 27.86 13.96 18.79
CA GLY A 98 27.86 15.36 18.40
C GLY A 98 27.35 15.70 17.03
N ARG A 99 26.50 14.86 16.47
CA ARG A 99 25.94 15.12 15.15
C ARG A 99 24.52 14.57 15.09
N SER A 100 23.88 14.71 13.93
CA SER A 100 22.53 14.21 13.71
C SER A 100 22.53 13.02 12.78
N HIS A 101 21.55 12.14 12.96
CA HIS A 101 21.39 10.96 12.12
C HIS A 101 19.90 10.77 11.90
N SER A 102 19.54 9.82 11.02
CA SER A 102 18.13 9.59 10.74
C SER A 102 17.64 8.26 11.25
N VAL A 103 16.45 8.27 11.84
CA VAL A 103 15.82 7.04 12.30
C VAL A 103 14.62 6.94 11.37
N ILE A 104 14.58 5.86 10.60
CA ILE A 104 13.50 5.66 9.64
C ILE A 104 12.68 4.43 10.00
N THR A 105 11.39 4.66 10.24
CA THR A 105 10.48 3.59 10.58
C THR A 105 9.37 3.47 9.55
N ALA A 106 9.18 2.26 9.04
CA ALA A 106 8.14 2.00 8.08
C ALA A 106 7.07 1.15 8.74
N VAL A 107 5.84 1.33 8.27
CA VAL A 107 4.71 0.56 8.77
C VAL A 107 3.98 0.05 7.53
N SER A 108 3.61 -1.24 7.55
CA SER A 108 2.84 -1.77 6.44
C SER A 108 1.56 -2.38 7.04
N ILE A 109 0.41 -2.07 6.45
CA ILE A 109 -0.86 -2.59 6.95
C ILE A 109 -1.46 -3.38 5.80
N GLN A 110 -1.71 -4.67 6.04
CA GLN A 110 -2.22 -5.58 5.01
C GLN A 110 -3.57 -6.20 5.32
N ALA A 111 -4.44 -6.20 4.32
CA ALA A 111 -5.78 -6.78 4.39
C ALA A 111 -6.13 -7.25 2.97
N GLU A 112 -7.06 -8.18 2.85
CA GLU A 112 -7.40 -8.69 1.53
C GLU A 112 -7.94 -7.65 0.55
N ASN A 113 -8.57 -6.60 1.06
CA ASN A 113 -9.13 -5.56 0.20
C ASN A 113 -8.44 -4.22 0.30
N HIS A 114 -7.31 -4.16 1.00
CA HIS A 114 -6.65 -2.88 1.19
C HIS A 114 -5.27 -3.07 1.82
N SER A 115 -4.29 -2.36 1.28
CA SER A 115 -2.93 -2.43 1.82
C SER A 115 -2.36 -1.03 1.78
N GLU A 116 -1.47 -0.74 2.71
CA GLU A 116 -0.88 0.57 2.78
C GLU A 116 0.47 0.48 3.49
N THR A 117 1.48 1.11 2.91
CA THR A 117 2.84 1.11 3.48
C THR A 117 3.42 2.52 3.42
N PHE A 118 4.11 2.94 4.46
CA PHE A 118 4.74 4.26 4.45
C PHE A 118 5.90 4.27 5.40
N TYR A 119 6.76 5.28 5.30
CA TYR A 119 7.84 5.41 6.27
C TYR A 119 7.73 6.80 6.87
N ASP A 120 8.32 6.95 8.03
CA ASP A 120 8.31 8.19 8.78
C ASP A 120 9.78 8.39 9.17
N LYS A 121 10.33 9.56 8.83
CA LYS A 121 11.73 9.82 9.14
C LYS A 121 11.86 10.88 10.22
N THR A 122 12.74 10.62 11.18
CA THR A 122 12.99 11.53 12.28
C THR A 122 14.48 11.85 12.39
N GLU A 123 14.81 13.13 12.54
CA GLU A 123 16.20 13.54 12.69
C GLU A 123 16.51 13.52 14.18
N VAL A 124 17.54 12.77 14.57
CA VAL A 124 17.94 12.68 15.97
C VAL A 124 19.33 13.26 16.12
N ALA A 125 19.46 14.28 16.97
CA ALA A 125 20.76 14.93 17.21
C ALA A 125 21.32 14.50 18.57
N PHE A 126 22.61 14.18 18.58
CA PHE A 126 23.31 13.75 19.79
C PHE A 126 24.24 14.82 20.36
N TRP A 127 24.51 14.71 21.66
CA TRP A 127 25.45 15.62 22.32
C TRP A 127 26.81 14.99 22.03
N SER A 128 27.87 15.80 22.06
CA SER A 128 29.21 15.28 21.85
C SER A 128 29.39 14.35 23.04
N LEU A 129 29.67 13.08 22.77
CA LEU A 129 29.84 12.10 23.83
C LEU A 129 31.31 11.87 24.15
N SER A 130 31.59 11.56 25.40
CA SER A 130 32.96 11.32 25.84
C SER A 130 33.21 9.82 25.88
N GLU A 131 34.50 9.45 25.91
CA GLU A 131 34.87 8.05 25.96
C GLU A 131 34.28 7.44 27.23
N GLU A 132 34.36 8.19 28.32
CA GLU A 132 33.83 7.75 29.60
C GLU A 132 32.35 7.48 29.39
N GLU A 133 31.61 8.52 29.00
CA GLU A 133 30.18 8.40 28.75
C GLU A 133 29.88 7.18 27.88
N ILE A 134 30.50 7.13 26.71
CA ILE A 134 30.28 6.02 25.79
C ILE A 134 30.52 4.67 26.45
N TRP A 135 31.76 4.43 26.89
CA TRP A 135 32.08 3.16 27.53
C TRP A 135 31.25 2.86 28.76
N THR A 136 31.05 3.86 29.61
CA THR A 136 30.25 3.69 30.83
C THR A 136 28.83 3.27 30.44
N TYR A 137 28.35 3.78 29.31
CA TYR A 137 27.01 3.45 28.84
C TYR A 137 26.97 2.05 28.28
N ILE A 138 28.08 1.62 27.69
CA ILE A 138 28.13 0.28 27.12
C ILE A 138 28.21 -0.74 28.25
N GLU A 139 28.91 -0.39 29.32
CA GLU A 139 29.05 -1.28 30.46
C GLU A 139 27.69 -1.57 31.08
N THR A 140 26.71 -0.72 30.78
CA THR A 140 25.37 -0.91 31.29
C THR A 140 24.73 -2.05 30.50
N LYS A 141 25.36 -2.37 29.37
CA LYS A 141 24.91 -3.43 28.47
C LYS A 141 23.62 -3.08 27.74
N GLU A 142 23.21 -1.82 27.82
CA GLU A 142 21.98 -1.39 27.16
C GLU A 142 22.14 -1.23 25.65
N PRO A 143 23.27 -0.65 25.20
CA PRO A 143 23.48 -0.47 23.76
C PRO A 143 23.88 -1.72 22.97
N MET A 144 24.05 -2.85 23.65
CA MET A 144 24.46 -4.07 22.97
C MET A 144 23.38 -4.79 22.16
N ASP A 145 22.11 -4.50 22.43
CA ASP A 145 21.02 -5.14 21.70
C ASP A 145 20.24 -4.13 20.87
N LYS A 146 20.84 -2.97 20.63
CA LYS A 146 20.16 -1.92 19.88
C LYS A 146 20.87 -1.43 18.63
N ALA A 147 20.10 -1.29 17.55
CA ALA A 147 20.61 -0.81 16.26
C ALA A 147 21.14 0.60 16.42
N GLY A 148 22.43 0.79 16.15
CA GLY A 148 23.02 2.11 16.31
C GLY A 148 23.73 2.19 17.65
N ALA A 149 23.55 1.14 18.45
CA ALA A 149 24.19 1.06 19.77
C ALA A 149 23.66 2.07 20.80
N TYR A 150 22.37 2.36 20.74
CA TYR A 150 21.74 3.29 21.68
C TYR A 150 20.24 3.13 21.60
N GLY A 151 19.54 3.60 22.64
CA GLY A 151 18.09 3.53 22.68
C GLY A 151 17.67 4.92 23.17
N ILE A 152 16.57 5.47 22.65
CA ILE A 152 16.17 6.82 23.08
C ILE A 152 15.58 6.81 24.50
N GLN A 153 15.30 5.62 25.02
CA GLN A 153 14.79 5.48 26.38
C GLN A 153 15.93 4.95 27.24
N GLY A 154 15.78 4.98 28.55
CA GLY A 154 16.85 4.50 29.41
C GLY A 154 17.99 5.49 29.39
N ARG A 155 19.20 5.04 29.72
CA ARG A 155 20.37 5.91 29.74
C ARG A 155 20.67 6.61 28.41
N GLY A 156 20.27 6.00 27.31
CA GLY A 156 20.53 6.60 26.01
C GLY A 156 19.83 7.94 25.87
N ALA A 157 18.75 8.12 26.61
CA ALA A 157 17.99 9.36 26.59
C ALA A 157 18.90 10.54 26.91
N LEU A 158 19.97 10.27 27.66
CA LEU A 158 20.92 11.30 28.04
C LEU A 158 21.85 11.72 26.90
N PHE A 159 21.85 10.96 25.81
CA PHE A 159 22.71 11.31 24.66
C PHE A 159 22.01 12.22 23.68
N VAL A 160 20.68 12.15 23.66
CA VAL A 160 19.87 12.91 22.73
C VAL A 160 19.71 14.39 23.09
N LYS A 161 20.13 15.26 22.18
CA LYS A 161 20.03 16.70 22.36
C LYS A 161 18.64 17.14 21.90
N LYS A 162 18.13 16.52 20.84
CA LYS A 162 16.81 16.85 20.33
C LYS A 162 16.46 15.95 19.16
N ILE A 163 15.20 16.00 18.76
CA ILE A 163 14.75 15.28 17.59
C ILE A 163 13.90 16.25 16.80
N ASP A 164 13.71 15.94 15.52
CA ASP A 164 12.85 16.74 14.67
C ASP A 164 12.08 15.63 13.97
N GLY A 165 10.88 15.36 14.48
CA GLY A 165 10.05 14.29 13.94
C GLY A 165 9.14 13.70 15.02
N ASP A 166 9.03 12.37 15.02
CA ASP A 166 8.14 11.63 15.90
C ASP A 166 8.85 10.70 16.86
N TYR A 167 8.80 11.06 18.14
CA TYR A 167 9.44 10.27 19.17
C TYR A 167 8.92 8.82 19.17
N TYR A 168 7.64 8.62 18.92
CA TYR A 168 7.11 7.26 18.92
C TYR A 168 7.67 6.43 17.75
N SER A 169 7.89 7.07 16.62
CA SER A 169 8.47 6.41 15.45
C SER A 169 9.90 5.96 15.78
N VAL A 170 10.64 6.76 16.54
CA VAL A 170 12.00 6.38 16.94
C VAL A 170 11.93 5.14 17.81
N MET A 171 10.88 5.06 18.64
CA MET A 171 10.69 3.91 19.51
C MET A 171 10.30 2.66 18.72
N GLY A 172 9.81 2.85 17.49
CA GLY A 172 9.47 1.70 16.67
C GLY A 172 8.13 1.74 15.95
N LEU A 173 7.30 2.72 16.25
CA LEU A 173 6.01 2.79 15.61
C LEU A 173 5.39 4.18 15.60
N PRO A 174 5.23 4.79 14.41
CA PRO A 174 4.63 6.14 14.37
C PRO A 174 3.12 5.95 14.68
N ILE A 175 2.78 5.95 15.97
CA ILE A 175 1.40 5.70 16.37
C ILE A 175 0.30 6.59 15.82
N SER A 176 0.51 7.90 15.79
CA SER A 176 -0.56 8.75 15.30
C SER A 176 -0.83 8.46 13.82
N LYS A 177 0.22 8.34 13.02
CA LYS A 177 0.02 8.04 11.60
C LYS A 177 -0.63 6.66 11.42
N THR A 178 -0.25 5.71 12.27
CA THR A 178 -0.82 4.36 12.17
C THR A 178 -2.30 4.39 12.49
N MET A 179 -2.66 5.09 13.55
CA MET A 179 -4.07 5.18 13.94
C MET A 179 -4.83 5.81 12.77
N ARG A 180 -4.30 6.89 12.21
CA ARG A 180 -4.95 7.56 11.08
C ARG A 180 -5.13 6.65 9.88
N ALA A 181 -4.12 5.83 9.57
CA ALA A 181 -4.25 4.91 8.43
C ALA A 181 -5.31 3.85 8.67
N LEU A 182 -5.38 3.35 9.91
CA LEU A 182 -6.33 2.31 10.25
C LEU A 182 -7.79 2.78 10.10
N ARG A 183 -8.01 4.09 10.20
CA ARG A 183 -9.37 4.61 10.03
C ARG A 183 -9.91 4.28 8.65
N HIS A 184 -9.04 4.12 7.67
CA HIS A 184 -9.47 3.81 6.32
C HIS A 184 -9.54 2.31 6.05
N PHE A 185 -9.40 1.52 7.12
CA PHE A 185 -9.50 0.05 7.06
C PHE A 185 -10.73 -0.36 7.85
N MET B 1 8.73 19.21 -0.26
CA MET B 1 7.57 19.99 -0.80
C MET B 1 6.43 19.03 -1.14
N THR B 2 5.57 19.46 -2.05
CA THR B 2 4.43 18.68 -2.50
C THR B 2 4.91 17.89 -3.72
N LYS B 3 4.11 16.93 -4.16
CA LYS B 3 4.51 16.12 -5.31
C LYS B 3 3.52 16.22 -6.46
N PRO B 4 4.00 16.19 -7.71
CA PRO B 4 3.09 16.26 -8.86
C PRO B 4 2.28 14.96 -8.95
N LEU B 5 1.08 15.07 -9.50
CA LEU B 5 0.19 13.93 -9.63
C LEU B 5 0.20 13.37 -11.05
N ILE B 6 0.20 12.04 -11.16
CA ILE B 6 0.20 11.37 -12.45
C ILE B 6 -0.86 10.27 -12.49
N LEU B 7 -1.59 10.18 -13.59
CA LEU B 7 -2.60 9.15 -13.79
C LEU B 7 -2.02 8.21 -14.84
N ALA B 8 -1.70 6.99 -14.42
CA ALA B 8 -1.10 6.01 -15.33
C ALA B 8 -2.16 5.20 -16.05
N SER B 9 -3.04 5.90 -16.76
CA SER B 9 -4.09 5.23 -17.51
C SER B 9 -4.59 6.13 -18.62
N GLN B 10 -4.79 5.55 -19.80
CA GLN B 10 -5.33 6.32 -20.92
C GLN B 10 -6.87 6.23 -21.01
N SER B 11 -7.49 5.54 -20.06
CA SER B 11 -8.94 5.39 -20.03
C SER B 11 -9.66 6.75 -19.97
N PRO B 12 -10.49 7.05 -20.99
CA PRO B 12 -11.22 8.32 -21.02
C PRO B 12 -12.11 8.50 -19.79
N ARG B 13 -12.74 7.42 -19.35
CA ARG B 13 -13.61 7.49 -18.18
C ARG B 13 -12.81 7.83 -16.91
N ARG B 14 -11.61 7.27 -16.76
CA ARG B 14 -10.82 7.56 -15.58
C ARG B 14 -10.38 9.01 -15.61
N LYS B 15 -10.09 9.53 -16.80
CA LYS B 15 -9.69 10.94 -16.89
C LYS B 15 -10.86 11.83 -16.43
N GLU B 16 -12.06 11.62 -16.98
CA GLU B 16 -13.15 12.49 -16.57
C GLU B 16 -13.43 12.37 -15.08
N LEU B 17 -13.22 11.19 -14.51
CA LEU B 17 -13.46 11.05 -13.07
C LEU B 17 -12.40 11.76 -12.24
N LEU B 18 -11.13 11.55 -12.56
CA LEU B 18 -10.09 12.22 -11.77
C LEU B 18 -10.17 13.75 -11.93
N ASP B 19 -10.67 14.22 -13.08
CA ASP B 19 -10.82 15.66 -13.32
C ASP B 19 -11.81 16.28 -12.32
N LEU B 20 -12.64 15.46 -11.70
CA LEU B 20 -13.60 15.96 -10.71
C LEU B 20 -12.87 16.51 -9.49
N LEU B 21 -11.68 15.99 -9.23
CA LEU B 21 -10.93 16.45 -8.06
C LEU B 21 -10.37 17.85 -8.24
N GLN B 22 -10.26 18.28 -9.49
CA GLN B 22 -9.71 19.59 -9.80
C GLN B 22 -8.30 19.72 -9.24
N LEU B 23 -7.51 18.67 -9.45
CA LEU B 23 -6.11 18.62 -9.04
C LEU B 23 -5.33 18.39 -10.32
N PRO B 24 -4.49 19.35 -10.73
CA PRO B 24 -3.74 19.15 -11.97
C PRO B 24 -2.91 17.88 -11.96
N TYR B 25 -2.83 17.22 -13.10
CA TYR B 25 -2.04 16.00 -13.23
C TYR B 25 -1.74 15.77 -14.69
N SER B 26 -0.85 14.82 -14.97
CA SER B 26 -0.56 14.47 -16.35
C SER B 26 -0.84 12.97 -16.47
N ILE B 27 -1.06 12.54 -17.70
CA ILE B 27 -1.34 11.16 -17.99
C ILE B 27 -0.10 10.58 -18.62
N ILE B 28 0.47 9.58 -17.94
CA ILE B 28 1.71 8.95 -18.37
C ILE B 28 1.52 7.44 -18.20
N VAL B 29 1.78 6.67 -19.26
CA VAL B 29 1.60 5.23 -19.16
C VAL B 29 2.79 4.47 -19.72
N SER B 30 3.10 3.35 -19.09
CA SER B 30 4.18 2.47 -19.51
C SER B 30 3.60 1.06 -19.49
N GLU B 31 3.53 0.45 -20.66
CA GLU B 31 2.97 -0.88 -20.81
C GLU B 31 3.64 -1.96 -19.94
N VAL B 32 2.82 -2.81 -19.34
CA VAL B 32 3.35 -3.90 -18.51
C VAL B 32 2.73 -5.24 -18.89
N GLU B 33 3.36 -6.32 -18.46
CA GLU B 33 2.83 -7.66 -18.70
C GLU B 33 1.51 -7.76 -17.91
N GLU B 34 0.42 -8.07 -18.59
CA GLU B 34 -0.86 -8.15 -17.91
C GLU B 34 -1.45 -9.55 -17.75
N LYS B 35 -0.65 -10.59 -17.99
CA LYS B 35 -1.13 -11.95 -17.85
C LYS B 35 -1.37 -12.25 -16.38
N LEU B 36 -2.61 -12.63 -16.06
CA LEU B 36 -3.03 -12.92 -14.69
C LEU B 36 -2.58 -14.27 -14.15
N ASN B 37 -2.32 -14.31 -12.85
CA ASN B 37 -1.88 -15.52 -12.16
C ASN B 37 -3.07 -16.45 -11.88
N ARG B 38 -2.98 -17.66 -12.44
CA ARG B 38 -4.02 -18.69 -12.31
C ARG B 38 -4.37 -19.01 -10.85
N ASN B 39 -3.40 -18.83 -9.96
CA ASN B 39 -3.61 -19.13 -8.54
C ASN B 39 -4.04 -17.97 -7.64
N PHE B 40 -4.27 -16.80 -8.24
CA PHE B 40 -4.72 -15.64 -7.49
C PHE B 40 -6.23 -15.52 -7.61
N SER B 41 -6.86 -14.95 -6.60
CA SER B 41 -8.30 -14.72 -6.68
C SER B 41 -8.43 -13.49 -7.59
N PRO B 42 -9.65 -13.18 -8.03
CA PRO B 42 -9.84 -12.01 -8.88
C PRO B 42 -9.46 -10.76 -8.09
N GLU B 43 -9.77 -10.75 -6.79
CA GLU B 43 -9.45 -9.61 -5.94
C GLU B 43 -7.93 -9.38 -5.86
N GLU B 44 -7.16 -10.46 -5.84
CA GLU B 44 -5.70 -10.37 -5.78
C GLU B 44 -5.15 -9.92 -7.12
N ASN B 45 -5.72 -10.47 -8.19
CA ASN B 45 -5.27 -10.13 -9.53
C ASN B 45 -5.54 -8.69 -9.92
N VAL B 46 -6.75 -8.20 -9.67
CA VAL B 46 -7.05 -6.83 -10.05
C VAL B 46 -6.13 -5.84 -9.28
N GLN B 47 -5.88 -6.08 -8.00
CA GLN B 47 -5.01 -5.18 -7.25
C GLN B 47 -3.57 -5.27 -7.78
N TRP B 48 -3.13 -6.48 -8.11
CA TRP B 48 -1.79 -6.67 -8.63
C TRP B 48 -1.61 -5.88 -9.93
N LEU B 49 -2.60 -5.94 -10.82
CA LEU B 49 -2.51 -5.23 -12.08
C LEU B 49 -2.46 -3.72 -11.91
N ALA B 50 -3.27 -3.19 -10.99
CA ALA B 50 -3.27 -1.75 -10.76
C ALA B 50 -1.90 -1.39 -10.21
N LYS B 51 -1.41 -2.20 -9.27
CA LYS B 51 -0.10 -2.00 -8.65
C LYS B 51 1.00 -1.97 -9.71
N GLN B 52 1.02 -2.95 -10.62
CA GLN B 52 2.06 -2.99 -11.66
C GLN B 52 2.01 -1.75 -12.56
N LYS B 53 0.83 -1.37 -13.02
CA LYS B 53 0.73 -0.21 -13.90
C LYS B 53 1.24 1.05 -13.22
N ALA B 54 0.88 1.25 -11.95
CA ALA B 54 1.35 2.44 -11.21
C ALA B 54 2.85 2.41 -10.99
N LYS B 55 3.38 1.24 -10.60
CA LYS B 55 4.80 1.11 -10.31
C LYS B 55 5.72 1.36 -11.53
N ALA B 56 5.29 0.88 -12.69
CA ALA B 56 6.07 1.08 -13.90
C ALA B 56 6.27 2.57 -14.14
N VAL B 57 5.25 3.37 -13.85
CA VAL B 57 5.35 4.82 -14.07
C VAL B 57 6.05 5.47 -12.89
N ALA B 58 5.80 4.97 -11.68
CA ALA B 58 6.48 5.50 -10.51
C ALA B 58 7.99 5.29 -10.67
N ASP B 59 8.39 4.17 -11.26
CA ASP B 59 9.84 3.94 -11.48
C ASP B 59 10.47 5.03 -12.35
N LEU B 60 9.67 5.63 -13.23
CA LEU B 60 10.15 6.68 -14.14
C LEU B 60 10.00 8.08 -13.54
N HIS B 61 9.14 8.23 -12.54
CA HIS B 61 8.89 9.51 -11.88
C HIS B 61 8.87 9.27 -10.37
N PRO B 62 10.04 8.96 -9.78
CA PRO B 62 10.10 8.69 -8.34
C PRO B 62 9.68 9.79 -7.37
N HIS B 63 9.61 11.04 -7.83
CA HIS B 63 9.23 12.11 -6.93
C HIS B 63 7.74 12.46 -7.04
N ALA B 64 7.01 11.70 -7.84
CA ALA B 64 5.60 11.94 -8.03
C ALA B 64 4.70 10.97 -7.25
N ILE B 65 3.40 11.19 -7.39
CA ILE B 65 2.35 10.35 -6.80
C ILE B 65 1.68 9.81 -8.07
N VAL B 66 1.70 8.50 -8.24
CA VAL B 66 1.15 7.87 -9.43
C VAL B 66 -0.03 6.98 -9.12
N ILE B 67 -1.12 7.17 -9.87
CA ILE B 67 -2.35 6.40 -9.69
C ILE B 67 -2.50 5.39 -10.83
N GLY B 68 -2.60 4.11 -10.46
CA GLY B 68 -2.82 3.06 -11.45
C GLY B 68 -4.16 2.45 -11.11
N ALA B 69 -4.87 1.87 -12.09
CA ALA B 69 -6.19 1.29 -11.81
C ALA B 69 -6.51 0.17 -12.78
N ASP B 70 -7.40 -0.74 -12.37
CA ASP B 70 -7.77 -1.86 -13.23
C ASP B 70 -9.18 -2.30 -12.84
N THR B 71 -9.96 -2.72 -13.83
CA THR B 71 -11.34 -3.11 -13.60
C THR B 71 -11.60 -4.48 -14.21
N MET B 72 -12.22 -5.35 -13.43
CA MET B 72 -12.55 -6.68 -13.90
C MET B 72 -14.05 -6.94 -13.73
N VAL B 73 -14.61 -7.72 -14.64
CA VAL B 73 -16.03 -8.09 -14.59
C VAL B 73 -16.01 -9.59 -14.33
N CYS B 74 -16.56 -10.01 -13.20
CA CYS B 74 -16.53 -11.43 -12.85
C CYS B 74 -17.88 -12.04 -12.52
N LEU B 75 -18.09 -13.23 -13.08
CA LEU B 75 -19.32 -13.98 -12.94
C LEU B 75 -18.99 -15.37 -12.36
N ASP B 76 -19.50 -15.65 -11.16
CA ASP B 76 -19.26 -16.95 -10.53
C ASP B 76 -17.77 -17.30 -10.44
N GLY B 77 -16.97 -16.35 -9.97
CA GLY B 77 -15.54 -16.59 -9.83
C GLY B 77 -14.77 -16.52 -11.15
N GLU B 78 -15.49 -16.52 -12.25
CA GLU B 78 -14.87 -16.43 -13.56
C GLU B 78 -14.97 -15.00 -14.07
N CYS B 79 -13.87 -14.46 -14.56
CA CYS B 79 -13.90 -13.09 -15.04
C CYS B 79 -13.88 -13.02 -16.56
N LEU B 80 -14.58 -12.02 -17.10
CA LEU B 80 -14.68 -11.84 -18.53
C LEU B 80 -13.80 -10.71 -19.03
N GLY B 81 -12.96 -11.01 -20.02
CA GLY B 81 -12.10 -10.01 -20.58
C GLY B 81 -12.82 -9.33 -21.72
N LYS B 82 -12.12 -8.48 -22.45
CA LYS B 82 -12.73 -7.78 -23.58
C LYS B 82 -12.96 -8.81 -24.69
N PRO B 83 -14.10 -8.74 -25.36
CA PRO B 83 -14.39 -9.69 -26.44
C PRO B 83 -13.50 -9.45 -27.67
N GLN B 84 -13.01 -10.54 -28.24
CA GLN B 84 -12.14 -10.48 -29.42
C GLN B 84 -13.03 -10.41 -30.66
N ASP B 85 -14.06 -11.24 -30.68
CA ASP B 85 -15.01 -11.33 -31.78
C ASP B 85 -16.42 -10.98 -31.30
N GLN B 86 -17.26 -10.49 -32.21
CA GLN B 86 -18.63 -10.11 -31.87
C GLN B 86 -19.44 -11.23 -31.25
N GLU B 87 -19.22 -12.46 -31.69
CA GLU B 87 -19.96 -13.60 -31.15
C GLU B 87 -19.48 -13.89 -29.72
N GLU B 88 -18.29 -13.39 -29.38
CA GLU B 88 -17.75 -13.58 -28.04
C GLU B 88 -18.42 -12.52 -27.15
N ALA B 89 -18.51 -11.31 -27.66
CA ALA B 89 -19.15 -10.22 -26.94
C ALA B 89 -20.60 -10.63 -26.73
N ALA B 90 -21.18 -11.26 -27.75
CA ALA B 90 -22.56 -11.73 -27.69
C ALA B 90 -22.67 -12.84 -26.65
N SER B 91 -21.66 -13.71 -26.62
CA SER B 91 -21.66 -14.81 -25.67
C SER B 91 -21.56 -14.29 -24.24
N MET B 92 -20.74 -13.26 -24.03
CA MET B 92 -20.60 -12.65 -22.70
C MET B 92 -21.95 -12.06 -22.29
N LEU B 93 -22.53 -11.20 -23.13
CA LEU B 93 -23.81 -10.59 -22.81
C LEU B 93 -24.92 -11.59 -22.50
N ARG B 94 -24.92 -12.71 -23.20
CA ARG B 94 -25.93 -13.73 -22.95
C ARG B 94 -25.71 -14.29 -21.55
N ARG B 95 -24.44 -14.35 -21.14
CA ARG B 95 -24.10 -14.88 -19.81
C ARG B 95 -24.50 -13.92 -18.69
N LEU B 96 -24.39 -12.62 -18.95
CA LEU B 96 -24.73 -11.60 -17.95
C LEU B 96 -26.23 -11.37 -17.85
N SER B 97 -26.94 -11.64 -18.94
CA SER B 97 -28.39 -11.45 -19.00
C SER B 97 -29.19 -12.03 -17.84
N GLY B 98 -30.12 -11.24 -17.33
CA GLY B 98 -30.99 -11.68 -16.25
C GLY B 98 -30.44 -12.08 -14.90
N ARG B 99 -29.20 -11.74 -14.60
CA ARG B 99 -28.63 -12.10 -13.31
C ARG B 99 -27.67 -11.01 -12.84
N SER B 100 -26.94 -11.28 -11.77
CA SER B 100 -25.98 -10.33 -11.24
C SER B 100 -24.55 -10.78 -11.45
N HIS B 101 -23.65 -9.80 -11.53
CA HIS B 101 -22.24 -10.09 -11.67
C HIS B 101 -21.54 -9.08 -10.78
N SER B 102 -20.23 -9.23 -10.65
CA SER B 102 -19.44 -8.31 -9.86
C SER B 102 -18.52 -7.50 -10.74
N VAL B 103 -18.40 -6.21 -10.45
CA VAL B 103 -17.43 -5.39 -11.18
C VAL B 103 -16.45 -4.99 -10.07
N ILE B 104 -15.17 -5.32 -10.27
CA ILE B 104 -14.17 -5.03 -9.25
C ILE B 104 -13.12 -4.09 -9.82
N THR B 105 -12.95 -2.94 -9.18
CA THR B 105 -11.98 -1.98 -9.65
C THR B 105 -10.96 -1.77 -8.56
N ALA B 106 -9.67 -1.92 -8.91
CA ALA B 106 -8.62 -1.70 -7.93
C ALA B 106 -7.93 -0.41 -8.27
N VAL B 107 -7.40 0.27 -7.25
CA VAL B 107 -6.68 1.51 -7.44
C VAL B 107 -5.39 1.34 -6.64
N SER B 108 -4.28 1.77 -7.21
CA SER B 108 -2.99 1.72 -6.51
C SER B 108 -2.39 3.11 -6.60
N ILE B 109 -2.02 3.65 -5.47
CA ILE B 109 -1.43 4.98 -5.43
C ILE B 109 -0.02 4.82 -4.92
N GLN B 110 0.95 5.29 -5.70
CA GLN B 110 2.36 5.10 -5.37
C GLN B 110 3.20 6.37 -5.27
N ALA B 111 3.97 6.47 -4.20
CA ALA B 111 4.88 7.59 -4.00
C ALA B 111 6.09 7.02 -3.27
N GLU B 112 7.21 7.75 -3.23
CA GLU B 112 8.39 7.21 -2.56
C GLU B 112 8.25 6.96 -1.07
N ASN B 113 7.37 7.71 -0.42
CA ASN B 113 7.22 7.57 1.03
C ASN B 113 5.87 6.97 1.44
N HIS B 114 5.08 6.50 0.50
CA HIS B 114 3.77 6.02 0.85
C HIS B 114 3.15 5.32 -0.37
N SER B 115 2.55 4.15 -0.14
CA SER B 115 1.86 3.44 -1.21
C SER B 115 0.56 2.91 -0.61
N GLU B 116 -0.47 2.82 -1.43
CA GLU B 116 -1.73 2.31 -0.95
C GLU B 116 -2.49 1.68 -2.13
N THR B 117 -3.03 0.48 -1.91
CA THR B 117 -3.78 -0.21 -2.95
C THR B 117 -5.06 -0.79 -2.37
N PHE B 118 -6.16 -0.72 -3.12
CA PHE B 118 -7.41 -1.28 -2.63
C PHE B 118 -8.30 -1.63 -3.80
N TYR B 119 -9.36 -2.37 -3.53
CA TYR B 119 -10.30 -2.67 -4.59
C TYR B 119 -11.64 -2.27 -4.05
N ASP B 120 -12.55 -2.03 -4.98
CA ASP B 120 -13.90 -1.64 -4.66
C ASP B 120 -14.75 -2.56 -5.53
N LYS B 121 -15.68 -3.26 -4.91
CA LYS B 121 -16.54 -4.20 -5.61
C LYS B 121 -17.98 -3.71 -5.62
N THR B 122 -18.63 -3.85 -6.77
CA THR B 122 -20.01 -3.43 -6.95
C THR B 122 -20.80 -4.58 -7.58
N GLU B 123 -22.00 -4.85 -7.06
CA GLU B 123 -22.85 -5.90 -7.63
C GLU B 123 -23.70 -5.21 -8.69
N VAL B 124 -23.69 -5.77 -9.90
CA VAL B 124 -24.44 -5.21 -11.01
C VAL B 124 -25.48 -6.23 -11.45
N ALA B 125 -26.75 -5.82 -11.46
CA ALA B 125 -27.84 -6.70 -11.86
C ALA B 125 -28.35 -6.30 -13.25
N PHE B 126 -28.49 -7.31 -14.11
CA PHE B 126 -28.96 -7.13 -15.48
C PHE B 126 -30.40 -7.59 -15.67
N TRP B 127 -31.13 -6.91 -16.55
CA TRP B 127 -32.49 -7.35 -16.90
C TRP B 127 -32.23 -8.52 -17.87
N SER B 128 -33.27 -9.28 -18.21
CA SER B 128 -33.09 -10.36 -19.19
C SER B 128 -32.92 -9.67 -20.52
N LEU B 129 -31.93 -10.10 -21.30
CA LEU B 129 -31.69 -9.47 -22.59
C LEU B 129 -32.13 -10.39 -23.73
N SER B 130 -32.41 -9.77 -24.89
CA SER B 130 -32.82 -10.49 -26.07
C SER B 130 -31.70 -10.35 -27.10
N GLU B 131 -31.66 -11.27 -28.07
CA GLU B 131 -30.64 -11.26 -29.10
C GLU B 131 -30.59 -9.93 -29.85
N GLU B 132 -31.77 -9.38 -30.14
CA GLU B 132 -31.85 -8.12 -30.86
C GLU B 132 -31.15 -7.01 -30.10
N GLU B 133 -31.43 -6.91 -28.80
CA GLU B 133 -30.80 -5.90 -27.95
C GLU B 133 -29.29 -6.13 -27.95
N ILE B 134 -28.90 -7.38 -27.77
CA ILE B 134 -27.49 -7.76 -27.72
C ILE B 134 -26.75 -7.37 -29.00
N TRP B 135 -27.31 -7.75 -30.14
CA TRP B 135 -26.66 -7.43 -31.41
C TRP B 135 -26.74 -5.94 -31.76
N THR B 136 -27.88 -5.31 -31.45
CA THR B 136 -28.02 -3.89 -31.71
C THR B 136 -26.89 -3.19 -30.96
N TYR B 137 -26.76 -3.55 -29.69
CA TYR B 137 -25.74 -2.98 -28.83
C TYR B 137 -24.36 -3.27 -29.41
N ILE B 138 -24.13 -4.53 -29.77
CA ILE B 138 -22.84 -4.93 -30.34
C ILE B 138 -22.49 -4.07 -31.57
N GLU B 139 -23.47 -3.75 -32.40
CA GLU B 139 -23.23 -2.93 -33.60
C GLU B 139 -22.65 -1.56 -33.25
N THR B 140 -23.10 -0.99 -32.13
CA THR B 140 -22.63 0.32 -31.69
C THR B 140 -21.11 0.34 -31.48
N LYS B 141 -20.52 -0.85 -31.34
CA LYS B 141 -19.08 -0.98 -31.11
C LYS B 141 -18.64 -0.57 -29.71
N GLU B 142 -19.60 -0.35 -28.82
CA GLU B 142 -19.26 0.04 -27.46
C GLU B 142 -18.78 -1.17 -26.68
N PRO B 143 -19.45 -2.33 -26.82
CA PRO B 143 -19.02 -3.53 -26.09
C PRO B 143 -17.60 -4.02 -26.41
N MET B 144 -17.22 -3.96 -27.68
CA MET B 144 -15.91 -4.44 -28.12
C MET B 144 -14.75 -3.74 -27.42
N ASP B 145 -15.04 -2.76 -26.58
CA ASP B 145 -14.01 -2.00 -25.88
C ASP B 145 -13.87 -2.26 -24.37
N LYS B 146 -14.83 -2.92 -23.76
CA LYS B 146 -14.77 -3.16 -22.31
C LYS B 146 -14.86 -4.61 -21.87
N ALA B 147 -14.36 -4.86 -20.67
CA ALA B 147 -14.40 -6.18 -20.07
C ALA B 147 -15.86 -6.58 -19.89
N GLY B 148 -16.20 -7.81 -20.24
CA GLY B 148 -17.59 -8.25 -20.07
C GLY B 148 -18.50 -7.84 -21.21
N ALA B 149 -17.96 -7.08 -22.16
CA ALA B 149 -18.72 -6.64 -23.32
C ALA B 149 -19.84 -5.62 -23.07
N TYR B 150 -19.62 -4.67 -22.16
CA TYR B 150 -20.62 -3.65 -21.90
C TYR B 150 -20.08 -2.50 -21.08
N GLY B 151 -20.79 -1.37 -21.16
CA GLY B 151 -20.43 -0.19 -20.41
C GLY B 151 -21.70 0.25 -19.70
N ILE B 152 -21.59 0.72 -18.46
CA ILE B 152 -22.80 1.11 -17.75
C ILE B 152 -23.32 2.45 -18.28
N GLN B 153 -22.47 3.17 -19.00
CA GLN B 153 -22.84 4.45 -19.61
C GLN B 153 -23.33 4.22 -21.04
N GLY B 154 -23.93 5.27 -21.63
CA GLY B 154 -24.41 5.13 -22.99
C GLY B 154 -25.55 4.14 -23.12
N ARG B 155 -25.48 3.27 -24.13
CA ARG B 155 -26.53 2.31 -24.37
C ARG B 155 -26.55 1.09 -23.44
N GLY B 156 -25.43 0.80 -22.80
CA GLY B 156 -25.42 -0.34 -21.89
C GLY B 156 -26.29 -0.07 -20.68
N ALA B 157 -26.49 1.22 -20.39
CA ALA B 157 -27.30 1.66 -19.27
C ALA B 157 -28.67 0.99 -19.27
N LEU B 158 -29.24 0.81 -20.46
CA LEU B 158 -30.55 0.20 -20.56
C LEU B 158 -30.59 -1.26 -20.11
N PHE B 159 -29.42 -1.89 -19.99
CA PHE B 159 -29.34 -3.29 -19.56
C PHE B 159 -29.36 -3.45 -18.05
N VAL B 160 -28.93 -2.40 -17.35
CA VAL B 160 -28.82 -2.46 -15.91
C VAL B 160 -30.08 -2.24 -15.10
N LYS B 161 -30.42 -3.24 -14.30
CA LYS B 161 -31.60 -3.18 -13.44
C LYS B 161 -31.28 -2.39 -12.18
N LYS B 162 -30.09 -2.65 -11.62
CA LYS B 162 -29.64 -1.92 -10.44
C LYS B 162 -28.21 -2.31 -10.08
N ILE B 163 -27.62 -1.55 -9.17
CA ILE B 163 -26.28 -1.87 -8.67
C ILE B 163 -26.31 -1.72 -7.16
N ASP B 164 -25.35 -2.35 -6.50
CA ASP B 164 -25.21 -2.22 -5.05
C ASP B 164 -23.71 -1.93 -4.96
N GLY B 165 -23.38 -0.65 -4.81
CA GLY B 165 -21.99 -0.25 -4.75
C GLY B 165 -21.77 1.13 -5.34
N ASP B 166 -20.67 1.30 -6.06
CA ASP B 166 -20.27 2.59 -6.60
C ASP B 166 -20.29 2.70 -8.12
N TYR B 167 -21.26 3.44 -8.64
CA TYR B 167 -21.40 3.66 -10.07
C TYR B 167 -20.08 4.12 -10.70
N TYR B 168 -19.38 5.03 -10.03
CA TYR B 168 -18.13 5.54 -10.58
C TYR B 168 -17.06 4.46 -10.65
N SER B 169 -17.06 3.57 -9.67
CA SER B 169 -16.13 2.46 -9.66
C SER B 169 -16.43 1.56 -10.87
N VAL B 170 -17.71 1.37 -11.19
CA VAL B 170 -18.09 0.58 -12.36
C VAL B 170 -17.58 1.25 -13.63
N MET B 171 -17.56 2.59 -13.67
CA MET B 171 -17.05 3.31 -14.83
C MET B 171 -15.52 3.14 -14.96
N GLY B 172 -14.88 2.76 -13.85
CA GLY B 172 -13.44 2.54 -13.87
C GLY B 172 -12.64 3.17 -12.75
N LEU B 173 -13.28 4.00 -11.92
CA LEU B 173 -12.52 4.64 -10.85
C LEU B 173 -13.39 5.06 -9.66
N PRO B 174 -13.22 4.40 -8.49
CA PRO B 174 -13.99 4.74 -7.29
C PRO B 174 -13.46 6.10 -6.82
N ILE B 175 -14.02 7.16 -7.39
CA ILE B 175 -13.53 8.51 -7.13
C ILE B 175 -13.56 9.02 -5.69
N SER B 176 -14.59 8.70 -4.93
CA SER B 176 -14.62 9.22 -3.56
C SER B 176 -13.53 8.54 -2.72
N LYS B 177 -13.37 7.23 -2.88
CA LYS B 177 -12.31 6.56 -2.13
C LYS B 177 -10.91 7.02 -2.58
N THR B 178 -10.77 7.32 -3.87
CA THR B 178 -9.48 7.78 -4.39
C THR B 178 -9.13 9.16 -3.80
N MET B 179 -10.12 10.04 -3.77
CA MET B 179 -9.94 11.39 -3.21
C MET B 179 -9.57 11.26 -1.73
N ARG B 180 -10.29 10.41 -1.00
CA ARG B 180 -10.03 10.20 0.42
C ARG B 180 -8.63 9.64 0.66
N ALA B 181 -8.17 8.77 -0.24
CA ALA B 181 -6.85 8.19 -0.10
C ALA B 181 -5.77 9.25 -0.35
N LEU B 182 -6.02 10.11 -1.34
CA LEU B 182 -5.05 11.15 -1.70
C LEU B 182 -4.80 12.21 -0.61
N ARG B 183 -5.79 12.42 0.26
CA ARG B 183 -5.61 13.41 1.32
C ARG B 183 -4.44 13.01 2.20
N HIS B 184 -4.16 11.71 2.28
CA HIS B 184 -3.06 11.24 3.09
C HIS B 184 -1.76 11.14 2.32
N PHE B 185 -1.71 11.77 1.16
CA PHE B 185 -0.51 11.77 0.33
C PHE B 185 0.02 13.19 0.12
#